data_2J9A
#
_entry.id   2J9A
#
_cell.length_a   129.982
_cell.length_b   129.982
_cell.length_c   120.813
_cell.angle_alpha   90.00
_cell.angle_beta   90.00
_cell.angle_gamma   120.00
#
_symmetry.space_group_name_H-M   'P 63 2 2'
#
loop_
_entity.id
_entity.type
_entity.pdbx_description
1 polymer 'CYTOSOL AMINOPEPTIDASE'
2 polymer 'MICROGININ FR1'
3 non-polymer 'CHLORIDE ION'
4 non-polymer (4S)-2-METHYL-2,4-PENTANEDIOL
5 non-polymer 'DIMETHYL SULFOXIDE'
6 non-polymer 'ZINC ION'
7 non-polymer '(2S,3R)-3-AMINO-2-HYDROXYDECANOIC ACID'
8 water water
#
loop_
_entity_poly.entity_id
_entity_poly.type
_entity_poly.pdbx_seq_one_letter_code
_entity_poly.pdbx_strand_id
1 'polypeptide(L)'
;TKGLVLGIYSKEKEEDEPQFTSAGENFNKLVSGKLREILNISGPPLKAGKTRTFYGLHEDFPSVVVVGLGKKTAGIDEQE
NWHEGKENIRAAVAAGCRQIQDLEIPSVEVDPCGDAQAAAEGAVLGLYEYDDLKQKRKVVVSAKLHGSEDQEAWQRGVLF
ASGQNLARRLMETPANEMTPTKFAEIVEENLKSASIKTDVFIRPKSWIEEQEMGSFLSVAKGSEEPPVFLEIHYKGSPNA
SEPPLVFVGKGITFDSGGISIKAAANMDLMRADMGGAATICSAIVSAAKLDLPINIVGLAPLCENMPSGKANKPGDVVRA
RNGKTIQVDNTDAEGRLILADALCYAHTFNPKVIINAATLTGAMDIALGSGATGVFTNSSWLWNKLFEASIETGDRVWRM
PLFEHYTRQVIDCQLADVNNIGKYRSAGACTAAAFLKEFVTHPKWAHLDIAGVMTNKDEVPYLRKGMAGRPTRTLIEFLF
RFSQESA
;
A
2 'polypeptide(L)' A(MLE)YY D
#
loop_
_chem_comp.id
_chem_comp.type
_chem_comp.name
_chem_comp.formula
AHY non-polymer '(2S,3R)-3-AMINO-2-HYDROXYDECANOIC ACID' 'C10 H21 N O3'
CL non-polymer 'CHLORIDE ION' 'Cl -1'
DMS non-polymer 'DIMETHYL SULFOXIDE' 'C2 H6 O S'
MPD non-polymer (4S)-2-METHYL-2,4-PENTANEDIOL 'C6 H14 O2'
ZN non-polymer 'ZINC ION' 'Zn 2'
#
# COMPACT_ATOMS: atom_id res chain seq x y z
N THR A 1 10.58 -24.86 22.34
CA THR A 1 9.20 -24.84 21.85
C THR A 1 8.99 -23.76 20.76
N LYS A 2 9.83 -22.73 20.76
CA LYS A 2 9.65 -21.71 19.71
C LYS A 2 10.64 -21.96 18.58
N GLY A 3 10.40 -21.35 17.42
CA GLY A 3 11.43 -21.28 16.40
C GLY A 3 12.27 -20.03 16.59
N LEU A 4 13.44 -19.99 15.97
CA LEU A 4 14.32 -18.85 16.08
C LEU A 4 14.88 -18.57 14.69
N VAL A 5 14.85 -17.27 14.33
CA VAL A 5 15.43 -16.79 13.08
C VAL A 5 16.63 -15.95 13.42
N LEU A 6 17.79 -16.35 12.88
CA LEU A 6 19.03 -15.60 13.12
C LEU A 6 19.67 -15.18 11.81
N GLY A 7 20.28 -13.99 11.77
CA GLY A 7 21.01 -13.53 10.58
C GLY A 7 22.50 -13.80 10.52
N ILE A 8 22.98 -13.98 9.31
CA ILE A 8 24.42 -13.99 9.03
C ILE A 8 24.70 -13.14 7.81
N TYR A 9 25.78 -12.38 7.87
CA TYR A 9 26.20 -11.56 6.76
C TYR A 9 27.03 -12.32 5.73
N SER A 10 27.17 -11.75 4.53
CA SER A 10 28.14 -12.28 3.55
C SER A 10 29.55 -11.97 4.02
N LYS A 11 30.48 -12.87 3.73
CA LYS A 11 31.86 -12.72 4.17
C LYS A 11 32.51 -11.57 3.40
N GLU A 12 33.16 -10.65 4.12
CA GLU A 12 33.97 -9.56 3.52
C GLU A 12 35.37 -10.08 3.23
N LYS A 13 36.09 -9.40 2.33
CA LYS A 13 37.38 -9.93 1.87
C LYS A 13 38.37 -10.11 3.03
N GLU A 14 38.30 -9.21 4.01
CA GLU A 14 39.24 -9.22 5.13
C GLU A 14 38.85 -10.14 6.30
N GLU A 15 37.64 -10.72 6.25
CA GLU A 15 37.19 -11.63 7.31
C GLU A 15 37.57 -13.06 6.99
N ASP A 16 37.76 -13.88 8.02
N ASP A 16 37.76 -13.86 8.04
CA ASP A 16 38.11 -15.28 7.80
CA ASP A 16 38.12 -15.27 7.90
C ASP A 16 36.87 -16.09 7.51
C ASP A 16 36.91 -16.15 7.69
N GLU A 17 35.74 -15.61 8.02
CA GLU A 17 34.46 -16.32 7.85
C GLU A 17 33.30 -15.31 7.91
N PRO A 18 32.13 -15.71 7.37
CA PRO A 18 31.02 -14.75 7.44
C PRO A 18 30.60 -14.49 8.89
N GLN A 19 30.26 -13.24 9.20
CA GLN A 19 29.92 -12.85 10.55
C GLN A 19 28.43 -12.95 10.89
N PHE A 20 28.12 -13.59 12.01
CA PHE A 20 26.78 -13.48 12.60
C PHE A 20 26.44 -12.04 13.02
N THR A 21 25.14 -11.74 13.10
CA THR A 21 24.68 -10.60 13.87
C THR A 21 25.06 -10.85 15.32
N SER A 22 24.88 -9.82 16.13
CA SER A 22 25.09 -9.96 17.58
CA SER A 22 25.08 -9.94 17.58
C SER A 22 24.26 -11.12 18.14
N ALA A 23 22.98 -11.18 17.76
CA ALA A 23 22.14 -12.24 18.30
C ALA A 23 22.60 -13.65 17.86
N GLY A 24 23.06 -13.78 16.62
CA GLY A 24 23.54 -15.06 16.10
C GLY A 24 24.79 -15.48 16.88
N GLU A 25 25.70 -14.53 17.06
CA GLU A 25 26.98 -14.83 17.75
C GLU A 25 26.72 -15.19 19.21
N ASN A 26 25.82 -14.44 19.86
CA ASN A 26 25.41 -14.82 21.21
C ASN A 26 24.75 -16.19 21.30
N PHE A 27 23.85 -16.50 20.35
CA PHE A 27 23.24 -17.84 20.37
C PHE A 27 24.32 -18.91 20.14
N ASN A 28 25.23 -18.66 19.20
CA ASN A 28 26.31 -19.61 18.98
C ASN A 28 27.11 -19.85 20.29
N LYS A 29 27.38 -18.77 21.02
CA LYS A 29 28.06 -18.90 22.34
C LYS A 29 27.26 -19.78 23.28
N LEU A 30 25.95 -19.55 23.31
CA LEU A 30 25.07 -20.27 24.20
C LEU A 30 25.10 -21.76 23.94
N VAL A 31 25.29 -22.14 22.68
CA VAL A 31 25.28 -23.55 22.29
C VAL A 31 26.71 -24.03 22.07
N SER A 32 27.64 -23.38 22.78
CA SER A 32 29.05 -23.83 22.79
C SER A 32 29.65 -24.04 21.42
N GLY A 33 29.31 -23.13 20.49
CA GLY A 33 29.88 -23.16 19.14
C GLY A 33 29.18 -24.10 18.15
N LYS A 34 28.12 -24.79 18.58
CA LYS A 34 27.48 -25.81 17.72
C LYS A 34 26.81 -25.18 16.47
N LEU A 35 26.36 -23.94 16.60
CA LEU A 35 25.74 -23.27 15.41
C LEU A 35 26.76 -23.04 14.29
N ARG A 36 27.90 -22.43 14.62
CA ARG A 36 28.94 -22.24 13.64
C ARG A 36 29.44 -23.58 13.12
N GLU A 37 29.53 -24.58 13.99
CA GLU A 37 30.07 -25.86 13.56
C GLU A 37 29.15 -26.51 12.53
N ILE A 38 27.84 -26.47 12.79
CA ILE A 38 26.91 -27.14 11.88
C ILE A 38 26.76 -26.33 10.59
N LEU A 39 26.76 -25.00 10.71
CA LEU A 39 26.73 -24.19 9.51
C LEU A 39 27.94 -24.50 8.63
N ASN A 40 29.13 -24.63 9.22
CA ASN A 40 30.30 -25.03 8.42
C ASN A 40 30.15 -26.36 7.68
N ILE A 41 29.62 -27.35 8.39
CA ILE A 41 29.45 -28.72 7.86
C ILE A 41 28.44 -28.72 6.69
N SER A 42 27.48 -27.81 6.76
CA SER A 42 26.31 -27.79 5.87
C SER A 42 26.68 -27.36 4.45
N GLY A 43 27.84 -26.76 4.30
CA GLY A 43 28.35 -26.51 2.97
C GLY A 43 28.48 -25.03 2.65
N PRO A 44 27.87 -24.60 1.54
CA PRO A 44 28.22 -23.29 0.96
C PRO A 44 27.66 -22.16 1.78
N PRO A 45 28.27 -20.98 1.71
CA PRO A 45 27.77 -19.88 2.54
C PRO A 45 26.39 -19.41 2.13
N LEU A 46 25.69 -18.83 3.07
CA LEU A 46 24.35 -18.32 2.85
C LEU A 46 24.45 -16.92 2.27
N LYS A 47 23.93 -16.78 1.07
CA LYS A 47 23.84 -15.51 0.39
C LYS A 47 22.53 -14.74 0.74
N ALA A 48 22.45 -13.47 0.33
CA ALA A 48 21.31 -12.63 0.74
C ALA A 48 19.96 -13.30 0.42
N GLY A 49 19.10 -13.41 1.43
CA GLY A 49 17.74 -13.90 1.27
C GLY A 49 17.61 -15.42 1.31
N LYS A 50 18.75 -16.13 1.40
CA LYS A 50 18.76 -17.60 1.43
C LYS A 50 18.68 -18.05 2.88
N THR A 51 18.23 -19.29 3.11
CA THR A 51 18.03 -19.76 4.48
C THR A 51 18.50 -21.18 4.61
N ARG A 52 18.78 -21.60 5.84
CA ARG A 52 19.15 -22.98 6.11
C ARG A 52 18.67 -23.27 7.52
N THR A 53 18.19 -24.48 7.74
CA THR A 53 17.52 -24.85 9.00
C THR A 53 18.32 -25.94 9.73
N PHE A 54 18.55 -25.67 11.01
CA PHE A 54 19.33 -26.58 11.87
C PHE A 54 18.45 -27.00 13.02
N TYR A 55 18.44 -28.32 13.29
CA TYR A 55 17.55 -28.87 14.30
C TYR A 55 18.30 -29.31 15.56
N GLY A 56 17.59 -29.19 16.69
CA GLY A 56 18.08 -29.76 17.94
C GLY A 56 19.27 -29.03 18.57
N LEU A 57 19.49 -27.77 18.22
CA LEU A 57 20.66 -27.06 18.76
C LEU A 57 20.49 -26.66 20.22
N HIS A 58 19.26 -26.43 20.65
CA HIS A 58 18.96 -25.94 22.00
C HIS A 58 17.58 -26.43 22.40
N GLU A 59 17.41 -26.84 23.65
CA GLU A 59 16.11 -27.38 24.08
C GLU A 59 14.94 -26.41 23.85
N ASP A 60 15.19 -25.11 23.93
CA ASP A 60 14.12 -24.13 23.73
C ASP A 60 13.85 -23.77 22.28
N PHE A 61 14.76 -24.13 21.38
CA PHE A 61 14.65 -23.79 19.96
C PHE A 61 15.02 -25.00 19.13
N PRO A 62 14.08 -25.96 18.99
CA PRO A 62 14.34 -27.18 18.23
C PRO A 62 14.61 -26.90 16.75
N SER A 63 14.10 -25.78 16.23
CA SER A 63 14.35 -25.36 14.86
C SER A 63 14.93 -23.96 14.88
N VAL A 64 16.10 -23.81 14.28
CA VAL A 64 16.80 -22.50 14.15
C VAL A 64 17.03 -22.33 12.64
N VAL A 65 16.53 -21.22 12.10
CA VAL A 65 16.74 -20.93 10.68
C VAL A 65 17.70 -19.78 10.60
N VAL A 66 18.85 -20.02 9.97
CA VAL A 66 19.79 -18.92 9.71
C VAL A 66 19.46 -18.33 8.32
N VAL A 67 19.48 -17.00 8.24
CA VAL A 67 19.10 -16.30 7.03
C VAL A 67 20.23 -15.39 6.58
N GLY A 68 20.48 -15.36 5.26
CA GLY A 68 21.56 -14.54 4.72
C GLY A 68 21.11 -13.09 4.63
N LEU A 69 21.88 -12.18 5.22
CA LEU A 69 21.53 -10.77 5.24
C LEU A 69 22.26 -9.95 4.18
N GLY A 70 23.18 -10.57 3.45
CA GLY A 70 23.98 -9.81 2.44
C GLY A 70 25.04 -9.00 3.14
N LYS A 71 25.43 -7.87 2.54
CA LYS A 71 26.56 -7.07 3.01
CA LYS A 71 26.56 -7.10 3.03
C LYS A 71 26.17 -6.26 4.23
N LYS A 72 26.91 -6.40 5.33
CA LYS A 72 26.50 -5.73 6.58
C LYS A 72 26.28 -4.24 6.44
N THR A 73 27.16 -3.65 5.67
CA THR A 73 27.16 -2.20 5.51
CA THR A 73 27.22 -2.23 5.49
C THR A 73 26.35 -1.66 4.32
N ALA A 74 25.53 -2.52 3.69
CA ALA A 74 24.69 -2.09 2.57
C ALA A 74 23.80 -0.95 3.02
N GLY A 75 23.91 0.19 2.36
CA GLY A 75 23.12 1.35 2.70
C GLY A 75 22.28 1.74 1.49
N ILE A 76 22.19 3.02 1.24
CA ILE A 76 21.36 3.52 0.14
C ILE A 76 22.07 3.18 -1.16
N ASP A 77 21.35 2.53 -2.06
CA ASP A 77 21.89 2.10 -3.33
C ASP A 77 21.40 3.11 -4.34
N GLU A 78 22.30 3.93 -4.85
CA GLU A 78 21.84 5.03 -5.71
CA GLU A 78 22.00 5.00 -5.79
C GLU A 78 21.33 4.50 -7.06
N GLN A 79 21.64 3.26 -7.40
CA GLN A 79 21.13 2.65 -8.62
C GLN A 79 19.75 2.02 -8.46
N GLU A 80 19.25 1.92 -7.23
CA GLU A 80 17.94 1.27 -6.98
C GLU A 80 17.01 2.20 -6.23
N ASN A 81 17.54 3.34 -5.79
CA ASN A 81 16.74 4.31 -5.03
C ASN A 81 16.08 3.66 -3.80
N TRP A 82 16.85 2.85 -3.09
CA TRP A 82 16.35 2.39 -1.80
C TRP A 82 17.52 2.09 -0.87
N HIS A 83 17.16 1.92 0.41
CA HIS A 83 18.10 1.41 1.37
C HIS A 83 18.21 -0.11 1.22
N GLU A 84 19.32 -0.57 0.67
CA GLU A 84 19.50 -1.98 0.32
C GLU A 84 19.56 -2.85 1.56
N GLY A 85 20.22 -2.35 2.61
CA GLY A 85 20.34 -3.13 3.84
C GLY A 85 18.95 -3.47 4.38
N LYS A 86 18.07 -2.49 4.37
CA LYS A 86 16.72 -2.73 4.92
C LYS A 86 15.96 -3.74 4.06
N GLU A 87 16.12 -3.61 2.75
CA GLU A 87 15.49 -4.57 1.84
C GLU A 87 16.03 -5.99 2.01
N ASN A 88 17.34 -6.10 2.27
CA ASN A 88 17.93 -7.42 2.47
C ASN A 88 17.31 -8.05 3.72
N ILE A 89 17.24 -7.24 4.77
CA ILE A 89 16.68 -7.72 6.08
C ILE A 89 15.21 -8.17 5.93
N ARG A 90 14.39 -7.33 5.30
CA ARG A 90 12.95 -7.70 5.12
C ARG A 90 12.85 -9.03 4.38
N ALA A 91 13.62 -9.18 3.28
CA ALA A 91 13.53 -10.42 2.49
C ALA A 91 13.97 -11.64 3.28
N ALA A 92 15.11 -11.54 3.94
CA ALA A 92 15.71 -12.69 4.66
C ALA A 92 14.84 -13.11 5.82
N VAL A 93 14.35 -12.11 6.57
CA VAL A 93 13.52 -12.44 7.73
C VAL A 93 12.20 -13.07 7.26
N ALA A 94 11.60 -12.54 6.19
CA ALA A 94 10.38 -13.15 5.62
C ALA A 94 10.64 -14.61 5.27
N ALA A 95 11.79 -14.88 4.64
CA ALA A 95 12.12 -16.25 4.19
C ALA A 95 12.27 -17.17 5.41
N GLY A 96 12.94 -16.66 6.46
CA GLY A 96 13.13 -17.47 7.68
C GLY A 96 11.78 -17.76 8.32
N CYS A 97 10.92 -16.76 8.38
CA CYS A 97 9.62 -16.95 9.04
C CYS A 97 8.77 -17.93 8.26
N ARG A 98 8.79 -17.87 6.93
CA ARG A 98 8.04 -18.83 6.12
CA ARG A 98 8.04 -18.85 6.14
C ARG A 98 8.51 -20.28 6.42
N GLN A 99 9.82 -20.46 6.66
CA GLN A 99 10.36 -21.80 6.89
CA GLN A 99 10.38 -21.79 6.90
C GLN A 99 9.85 -22.32 8.24
N ILE A 100 9.87 -21.47 9.26
CA ILE A 100 9.27 -21.80 10.57
C ILE A 100 7.78 -22.18 10.45
N GLN A 101 7.03 -21.38 9.68
CA GLN A 101 5.62 -21.69 9.45
C GLN A 101 5.42 -23.04 8.76
N ASP A 102 6.25 -23.38 7.77
CA ASP A 102 6.14 -24.65 7.05
CA ASP A 102 6.15 -24.65 7.05
C ASP A 102 6.39 -25.83 7.99
N LEU A 103 7.20 -25.61 9.03
CA LEU A 103 7.43 -26.64 10.08
C LEU A 103 6.28 -26.65 11.11
N GLU A 104 5.24 -25.83 10.90
CA GLU A 104 4.02 -25.82 11.74
C GLU A 104 4.30 -25.35 13.18
N ILE A 105 5.31 -24.48 13.32
CA ILE A 105 5.69 -23.95 14.61
C ILE A 105 4.93 -22.64 14.87
N PRO A 106 4.15 -22.56 15.97
CA PRO A 106 3.26 -21.38 16.14
C PRO A 106 3.90 -20.12 16.72
N SER A 107 5.15 -20.24 17.20
CA SER A 107 5.80 -19.10 17.83
C SER A 107 7.20 -18.94 17.28
N VAL A 108 7.60 -17.72 16.90
CA VAL A 108 8.96 -17.52 16.44
C VAL A 108 9.58 -16.29 17.07
N GLU A 109 10.86 -16.38 17.41
CA GLU A 109 11.58 -15.17 17.84
C GLU A 109 12.54 -14.78 16.73
N VAL A 110 12.67 -13.47 16.53
CA VAL A 110 13.33 -12.97 15.34
C VAL A 110 14.50 -12.05 15.72
N ASP A 111 15.69 -12.39 15.24
CA ASP A 111 16.88 -11.52 15.31
C ASP A 111 16.54 -10.11 14.79
N PRO A 112 16.83 -9.05 15.56
CA PRO A 112 16.59 -7.71 15.02
C PRO A 112 17.49 -7.36 13.82
N CYS A 113 18.56 -8.14 13.60
CA CYS A 113 19.44 -8.00 12.42
C CYS A 113 19.97 -6.57 12.23
N GLY A 114 20.21 -5.86 13.33
CA GLY A 114 20.77 -4.51 13.29
C GLY A 114 19.78 -3.45 12.85
N ASP A 115 18.51 -3.83 12.60
CA ASP A 115 17.49 -2.88 12.24
C ASP A 115 16.15 -3.54 12.55
N ALA A 116 15.68 -3.37 13.80
CA ALA A 116 14.54 -4.16 14.22
C ALA A 116 13.27 -3.79 13.47
N GLN A 117 13.18 -2.54 13.00
CA GLN A 117 11.99 -2.17 12.27
C GLN A 117 11.92 -2.98 10.95
N ALA A 118 13.03 -3.02 10.21
CA ALA A 118 13.04 -3.79 8.95
C ALA A 118 12.79 -5.29 9.21
N ALA A 119 13.38 -5.82 10.29
CA ALA A 119 13.14 -7.20 10.65
C ALA A 119 11.66 -7.47 10.92
N ALA A 120 11.01 -6.61 11.73
CA ALA A 120 9.59 -6.76 12.03
C ALA A 120 8.77 -6.68 10.73
N GLU A 121 9.13 -5.74 9.84
CA GLU A 121 8.42 -5.61 8.56
C GLU A 121 8.54 -6.94 7.78
N GLY A 122 9.74 -7.51 7.70
CA GLY A 122 9.92 -8.76 6.97
C GLY A 122 9.06 -9.87 7.54
N ALA A 123 9.06 -9.96 8.87
CA ALA A 123 8.27 -11.04 9.52
C ALA A 123 6.78 -10.85 9.33
N VAL A 124 6.29 -9.62 9.61
CA VAL A 124 4.86 -9.39 9.62
C VAL A 124 4.28 -9.35 8.17
N LEU A 125 4.97 -8.66 7.27
CA LEU A 125 4.56 -8.70 5.85
C LEU A 125 4.69 -10.12 5.33
N GLY A 126 5.81 -10.76 5.70
CA GLY A 126 6.22 -12.04 5.11
C GLY A 126 5.24 -13.14 5.47
N LEU A 127 4.72 -13.12 6.70
CA LEU A 127 3.82 -14.21 7.14
C LEU A 127 2.39 -14.04 6.67
N TYR A 128 2.04 -12.81 6.29
CA TYR A 128 0.61 -12.49 6.07
C TYR A 128 0.01 -13.35 4.97
N GLU A 129 -1.18 -13.92 5.21
CA GLU A 129 -1.99 -14.51 4.11
C GLU A 129 -3.43 -14.22 4.41
N TYR A 130 -4.22 -13.91 3.37
CA TYR A 130 -5.68 -13.77 3.58
C TYR A 130 -6.28 -15.18 3.42
N ASP A 131 -6.64 -15.82 4.54
CA ASP A 131 -7.14 -17.20 4.45
C ASP A 131 -8.46 -17.38 5.24
N ASP A 132 -9.14 -16.27 5.54
CA ASP A 132 -10.38 -16.32 6.34
C ASP A 132 -11.42 -17.27 5.76
N LEU A 133 -11.39 -17.45 4.44
CA LEU A 133 -12.49 -18.16 3.77
C LEU A 133 -12.16 -19.60 3.43
N LYS A 134 -11.02 -20.08 3.90
CA LYS A 134 -10.52 -21.41 3.53
C LYS A 134 -10.62 -22.34 4.75
N GLN A 135 -11.01 -23.59 4.55
CA GLN A 135 -11.00 -24.58 5.63
CA GLN A 135 -11.00 -24.57 5.64
C GLN A 135 -9.57 -24.97 6.01
N LYS A 136 -8.72 -25.08 5.00
CA LYS A 136 -7.35 -25.50 5.25
C LYS A 136 -6.45 -24.28 5.26
N ARG A 137 -5.76 -24.10 6.39
N ARG A 137 -5.77 -24.09 6.39
CA ARG A 137 -4.94 -22.94 6.60
CA ARG A 137 -4.99 -22.86 6.64
C ARG A 137 -3.58 -23.38 7.09
C ARG A 137 -3.68 -23.20 7.32
N LYS A 138 -2.62 -22.47 6.96
CA LYS A 138 -1.31 -22.65 7.56
C LYS A 138 -1.45 -22.36 9.07
N VAL A 139 -0.52 -22.90 9.85
CA VAL A 139 -0.46 -22.56 11.27
C VAL A 139 -0.32 -21.05 11.44
N VAL A 140 -1.07 -20.49 12.39
CA VAL A 140 -0.94 -19.09 12.75
C VAL A 140 0.37 -18.90 13.55
N VAL A 141 1.22 -18.00 13.05
CA VAL A 141 2.55 -17.81 13.67
C VAL A 141 2.59 -16.49 14.38
N SER A 142 2.99 -16.53 15.64
CA SER A 142 3.18 -15.32 16.43
C SER A 142 4.67 -14.99 16.43
N ALA A 143 5.03 -13.88 15.78
CA ALA A 143 6.42 -13.46 15.71
C ALA A 143 6.71 -12.39 16.76
N LYS A 144 7.85 -12.53 17.46
CA LYS A 144 8.20 -11.56 18.48
C LYS A 144 9.69 -11.27 18.36
N LEU A 145 10.10 -10.09 18.79
CA LEU A 145 11.52 -9.76 18.87
C LEU A 145 12.33 -10.79 19.71
N HIS A 146 13.49 -11.18 19.22
CA HIS A 146 14.44 -11.96 20.03
C HIS A 146 15.24 -10.93 20.83
N GLY A 147 15.17 -10.98 22.16
CA GLY A 147 15.88 -9.97 22.93
C GLY A 147 14.96 -8.84 23.38
N SER A 148 15.47 -7.93 24.21
CA SER A 148 14.62 -6.88 24.74
C SER A 148 15.18 -5.48 24.54
N GLU A 149 16.17 -5.36 23.66
CA GLU A 149 16.83 -4.08 23.44
C GLU A 149 16.27 -3.20 22.35
N ASP A 150 15.62 -3.80 21.36
CA ASP A 150 15.22 -2.96 20.24
C ASP A 150 13.73 -2.80 20.14
N GLN A 151 13.03 -2.68 21.27
CA GLN A 151 11.58 -2.85 21.26
C GLN A 151 10.81 -1.79 20.51
N GLU A 152 11.16 -0.51 20.67
CA GLU A 152 10.37 0.53 19.98
C GLU A 152 10.47 0.33 18.46
N ALA A 153 11.69 0.09 17.99
CA ALA A 153 11.90 -0.07 16.51
C ALA A 153 11.18 -1.32 16.02
N TRP A 154 11.27 -2.41 16.78
CA TRP A 154 10.50 -3.62 16.46
C TRP A 154 9.01 -3.29 16.35
N GLN A 155 8.42 -2.65 17.36
CA GLN A 155 6.98 -2.37 17.31
CA GLN A 155 6.98 -2.36 17.32
C GLN A 155 6.64 -1.38 16.19
N ARG A 156 7.56 -0.46 15.90
CA ARG A 156 7.31 0.46 14.78
CA ARG A 156 7.38 0.48 14.77
C ARG A 156 7.19 -0.34 13.48
N GLY A 157 8.04 -1.34 13.30
CA GLY A 157 7.98 -2.24 12.11
C GLY A 157 6.69 -3.03 12.09
N VAL A 158 6.28 -3.57 13.26
CA VAL A 158 5.01 -4.23 13.33
C VAL A 158 3.87 -3.29 12.93
N LEU A 159 3.89 -2.04 13.39
CA LEU A 159 2.81 -1.11 13.10
C LEU A 159 2.75 -0.78 11.57
N PHE A 160 3.89 -0.47 11.00
CA PHE A 160 4.00 -0.16 9.57
C PHE A 160 3.49 -1.38 8.77
N ALA A 161 4.00 -2.59 9.06
CA ALA A 161 3.57 -3.78 8.34
C ALA A 161 2.09 -4.07 8.51
N SER A 162 1.58 -3.87 9.74
CA SER A 162 0.15 -4.14 10.00
C SER A 162 -0.73 -3.18 9.20
N GLY A 163 -0.25 -1.96 8.99
CA GLY A 163 -1.01 -0.95 8.21
C GLY A 163 -1.09 -1.46 6.76
N GLN A 164 0.03 -1.94 6.25
CA GLN A 164 0.05 -2.48 4.88
C GLN A 164 -0.82 -3.74 4.81
N ASN A 165 -0.74 -4.59 5.84
CA ASN A 165 -1.58 -5.81 5.82
C ASN A 165 -3.05 -5.52 5.91
N LEU A 166 -3.42 -4.46 6.60
CA LEU A 166 -4.81 -4.05 6.57
C LEU A 166 -5.21 -3.74 5.12
N ALA A 167 -4.38 -2.99 4.42
CA ALA A 167 -4.71 -2.65 3.02
C ALA A 167 -4.79 -3.92 2.20
N ARG A 168 -3.88 -4.89 2.44
CA ARG A 168 -3.87 -6.15 1.70
C ARG A 168 -5.18 -6.90 1.95
N ARG A 169 -5.58 -7.04 3.22
CA ARG A 169 -6.89 -7.64 3.57
C ARG A 169 -8.06 -6.97 2.83
N LEU A 170 -8.10 -5.65 2.91
CA LEU A 170 -9.19 -4.89 2.28
C LEU A 170 -9.19 -5.16 0.77
N MET A 171 -8.01 -5.21 0.15
CA MET A 171 -7.90 -5.45 -1.31
C MET A 171 -8.21 -6.88 -1.72
N GLU A 172 -7.74 -7.88 -0.94
CA GLU A 172 -7.89 -9.27 -1.34
C GLU A 172 -9.30 -9.79 -1.14
N THR A 173 -9.97 -9.26 -0.12
CA THR A 173 -11.31 -9.83 0.21
C THR A 173 -12.26 -9.81 -1.03
N PRO A 174 -13.03 -10.89 -1.26
CA PRO A 174 -13.94 -10.86 -2.42
C PRO A 174 -14.94 -9.70 -2.35
N ALA A 175 -15.30 -9.16 -3.50
CA ALA A 175 -16.12 -7.94 -3.53
C ALA A 175 -17.55 -8.12 -3.02
N ASN A 176 -18.07 -9.37 -3.03
CA ASN A 176 -19.41 -9.59 -2.48
C ASN A 176 -19.40 -9.48 -0.94
N GLU A 177 -18.21 -9.63 -0.35
CA GLU A 177 -18.06 -9.32 1.09
CA GLU A 177 -18.05 -9.32 1.08
C GLU A 177 -17.61 -7.88 1.30
N MET A 178 -16.61 -7.43 0.55
CA MET A 178 -16.01 -6.09 0.71
C MET A 178 -16.78 -5.08 -0.13
N THR A 179 -18.02 -4.80 0.30
CA THR A 179 -18.90 -3.83 -0.39
C THR A 179 -18.50 -2.44 0.08
N PRO A 180 -19.03 -1.38 -0.57
CA PRO A 180 -18.72 -0.03 -0.09
C PRO A 180 -19.03 0.10 1.43
N THR A 181 -20.17 -0.43 1.85
CA THR A 181 -20.60 -0.35 3.26
C THR A 181 -19.64 -1.10 4.18
N LYS A 182 -19.27 -2.32 3.81
CA LYS A 182 -18.38 -3.15 4.62
CA LYS A 182 -18.40 -3.12 4.64
C LYS A 182 -17.00 -2.51 4.72
N PHE A 183 -16.47 -2.03 3.59
CA PHE A 183 -15.17 -1.37 3.61
C PHE A 183 -15.21 -0.21 4.60
N ALA A 184 -16.27 0.62 4.50
CA ALA A 184 -16.34 1.79 5.36
C ALA A 184 -16.42 1.34 6.83
N GLU A 185 -17.16 0.28 7.10
CA GLU A 185 -17.28 -0.18 8.51
C GLU A 185 -15.97 -0.73 9.07
N ILE A 186 -15.20 -1.42 8.22
CA ILE A 186 -13.93 -1.96 8.69
C ILE A 186 -12.90 -0.84 8.90
N VAL A 187 -12.83 0.14 7.99
CA VAL A 187 -11.90 1.25 8.22
C VAL A 187 -12.32 2.03 9.49
N GLU A 188 -13.61 2.24 9.64
CA GLU A 188 -14.14 2.92 10.87
C GLU A 188 -13.68 2.23 12.15
N GLU A 189 -13.87 0.93 12.23
CA GLU A 189 -13.46 0.20 13.45
CA GLU A 189 -13.47 0.16 13.42
C GLU A 189 -11.96 0.26 13.67
N ASN A 190 -11.17 0.21 12.59
CA ASN A 190 -9.71 0.26 12.74
C ASN A 190 -9.22 1.62 13.17
N LEU A 191 -9.82 2.68 12.59
CA LEU A 191 -9.40 4.02 12.92
C LEU A 191 -9.78 4.33 14.38
N LYS A 192 -10.97 3.93 14.74
CA LYS A 192 -11.45 4.18 16.12
C LYS A 192 -10.68 3.40 17.18
N SER A 193 -10.21 2.21 16.81
CA SER A 193 -9.34 1.44 17.71
CA SER A 193 -9.33 1.45 17.72
C SER A 193 -7.99 2.13 17.83
N ALA A 194 -7.56 2.80 16.76
CA ALA A 194 -6.27 3.48 16.79
C ALA A 194 -6.19 4.73 17.66
N SER A 195 -7.26 5.51 17.71
CA SER A 195 -7.29 6.81 18.41
C SER A 195 -8.68 7.29 18.68
N ILE A 196 -8.92 7.95 19.84
CA ILE A 196 -10.26 8.50 20.07
C ILE A 196 -10.41 9.86 19.40
N LYS A 197 -9.29 10.40 18.91
CA LYS A 197 -9.22 11.73 18.26
C LYS A 197 -9.69 11.63 16.81
N THR A 198 -10.81 10.96 16.59
CA THR A 198 -11.18 10.52 15.22
C THR A 198 -12.67 10.72 15.04
N ASP A 199 -13.09 11.19 13.86
CA ASP A 199 -14.50 11.18 13.47
C ASP A 199 -14.58 10.40 12.16
N VAL A 200 -15.66 9.64 11.97
CA VAL A 200 -15.87 8.89 10.73
C VAL A 200 -17.29 9.18 10.31
N PHE A 201 -17.46 9.57 9.03
CA PHE A 201 -18.80 9.72 8.47
C PHE A 201 -18.95 8.81 7.27
N ILE A 202 -19.86 7.86 7.34
CA ILE A 202 -20.15 6.95 6.22
C ILE A 202 -21.32 7.62 5.51
N ARG A 203 -20.99 8.47 4.56
CA ARG A 203 -21.99 9.33 3.94
C ARG A 203 -22.79 8.56 2.90
N PRO A 204 -24.12 8.57 3.02
CA PRO A 204 -25.00 7.80 2.13
C PRO A 204 -25.26 8.49 0.81
N LYS A 205 -25.94 7.77 -0.07
CA LYS A 205 -26.34 8.29 -1.36
C LYS A 205 -27.02 9.67 -1.25
N SER A 206 -27.93 9.85 -0.26
CA SER A 206 -28.63 11.16 -0.12
C SER A 206 -27.65 12.31 0.08
N TRP A 207 -26.61 12.08 0.85
CA TRP A 207 -25.58 13.11 1.06
C TRP A 207 -24.77 13.33 -0.22
N ILE A 208 -24.46 12.23 -0.92
CA ILE A 208 -23.72 12.39 -2.20
C ILE A 208 -24.49 13.25 -3.21
N GLU A 209 -25.80 13.00 -3.29
CA GLU A 209 -26.70 13.82 -4.09
C GLU A 209 -26.77 15.28 -3.63
N GLU A 210 -26.86 15.51 -2.32
N GLU A 210 -26.88 15.49 -2.32
CA GLU A 210 -26.88 16.87 -1.78
CA GLU A 210 -26.88 16.85 -1.76
C GLU A 210 -25.58 17.61 -2.11
C GLU A 210 -25.59 17.59 -2.14
N GLN A 211 -24.47 16.87 -2.14
CA GLN A 211 -23.19 17.42 -2.49
C GLN A 211 -22.92 17.55 -4.00
N GLU A 212 -23.94 17.24 -4.81
CA GLU A 212 -23.95 17.42 -6.28
C GLU A 212 -22.80 16.64 -6.94
N MET A 213 -22.51 15.48 -6.39
CA MET A 213 -21.41 14.67 -6.92
C MET A 213 -21.93 13.83 -8.09
N GLY A 214 -22.25 14.51 -9.18
CA GLY A 214 -22.93 13.83 -10.30
C GLY A 214 -22.02 12.84 -11.01
N SER A 215 -20.72 13.12 -11.01
CA SER A 215 -19.79 12.26 -11.74
C SER A 215 -19.65 10.91 -10.99
N PHE A 216 -19.46 10.97 -9.67
CA PHE A 216 -19.42 9.79 -8.81
C PHE A 216 -20.74 9.02 -8.87
N LEU A 217 -21.88 9.73 -8.79
CA LEU A 217 -23.19 9.05 -8.83
C LEU A 217 -23.39 8.29 -10.14
N SER A 218 -22.83 8.82 -11.24
CA SER A 218 -23.07 8.21 -12.54
C SER A 218 -22.41 6.85 -12.60
N VAL A 219 -21.26 6.70 -11.94
CA VAL A 219 -20.59 5.39 -11.88
C VAL A 219 -21.41 4.42 -11.04
N ALA A 220 -21.85 4.90 -9.86
CA ALA A 220 -22.42 3.96 -8.86
C ALA A 220 -23.74 3.39 -9.32
N LYS A 221 -24.49 4.16 -10.11
CA LYS A 221 -25.90 3.83 -10.39
C LYS A 221 -26.14 2.51 -11.16
N GLY A 222 -25.13 2.05 -11.92
CA GLY A 222 -25.33 0.80 -12.67
C GLY A 222 -25.55 -0.39 -11.74
N SER A 223 -25.02 -0.31 -10.51
CA SER A 223 -25.04 -1.45 -9.60
C SER A 223 -26.15 -1.25 -8.60
N GLU A 224 -26.67 -2.38 -8.12
CA GLU A 224 -27.67 -2.32 -7.02
C GLU A 224 -27.02 -2.14 -5.63
N GLU A 225 -25.69 -2.20 -5.58
CA GLU A 225 -25.00 -2.01 -4.31
C GLU A 225 -24.91 -0.53 -3.92
N PRO A 226 -25.41 -0.18 -2.73
CA PRO A 226 -25.41 1.24 -2.38
C PRO A 226 -24.01 1.87 -2.32
N PRO A 227 -23.86 3.10 -2.86
CA PRO A 227 -22.57 3.79 -2.78
C PRO A 227 -22.44 4.44 -1.42
N VAL A 228 -21.21 4.66 -0.96
CA VAL A 228 -21.03 5.53 0.20
C VAL A 228 -19.83 6.43 -0.09
N PHE A 229 -19.80 7.57 0.57
CA PHE A 229 -18.66 8.44 0.53
C PHE A 229 -18.05 8.45 1.91
N LEU A 230 -16.91 7.78 2.05
CA LEU A 230 -16.30 7.69 3.35
C LEU A 230 -15.45 8.89 3.63
N GLU A 231 -15.71 9.54 4.78
CA GLU A 231 -14.93 10.69 5.19
C GLU A 231 -14.38 10.41 6.61
N ILE A 232 -13.06 10.44 6.78
CA ILE A 232 -12.43 10.09 8.07
C ILE A 232 -11.56 11.26 8.49
N HIS A 233 -11.58 11.59 9.78
CA HIS A 233 -10.82 12.69 10.34
C HIS A 233 -9.95 12.11 11.43
N TYR A 234 -8.68 12.48 11.41
CA TYR A 234 -7.80 12.17 12.51
C TYR A 234 -7.27 13.49 13.05
N LYS A 235 -7.61 13.84 14.30
CA LYS A 235 -7.33 15.17 14.81
C LYS A 235 -6.06 15.18 15.67
N GLY A 236 -4.92 14.95 15.05
CA GLY A 236 -3.68 14.74 15.79
C GLY A 236 -2.90 16.00 16.15
N SER A 237 -3.21 17.11 15.48
CA SER A 237 -2.47 18.34 15.76
C SER A 237 -2.86 18.86 17.15
N PRO A 238 -1.90 19.48 17.86
CA PRO A 238 -2.32 20.16 19.11
C PRO A 238 -3.21 21.38 18.83
N ASN A 239 -3.13 21.98 17.64
CA ASN A 239 -4.03 23.06 17.27
C ASN A 239 -5.18 22.55 16.40
N ALA A 240 -6.42 22.60 16.90
CA ALA A 240 -7.56 22.03 16.18
C ALA A 240 -7.82 22.72 14.85
N SER A 241 -7.32 23.94 14.71
CA SER A 241 -7.59 24.70 13.52
C SER A 241 -6.45 24.56 12.50
N GLU A 242 -5.41 23.78 12.82
CA GLU A 242 -4.31 23.58 11.90
C GLU A 242 -4.89 22.92 10.64
N PRO A 243 -4.64 23.50 9.46
CA PRO A 243 -5.14 22.87 8.22
C PRO A 243 -4.66 21.42 8.07
N PRO A 244 -5.56 20.53 7.59
CA PRO A 244 -5.21 19.12 7.50
C PRO A 244 -4.46 18.81 6.22
N LEU A 245 -3.76 17.67 6.22
CA LEU A 245 -3.35 17.01 4.98
C LEU A 245 -4.59 16.22 4.55
N VAL A 246 -4.89 16.18 3.25
CA VAL A 246 -6.07 15.43 2.79
C VAL A 246 -5.60 14.32 1.84
N PHE A 247 -6.02 13.10 2.13
CA PHE A 247 -5.82 11.96 1.22
CA PHE A 247 -5.80 11.93 1.26
C PHE A 247 -7.13 11.54 0.60
N VAL A 248 -7.07 11.11 -0.66
CA VAL A 248 -8.27 10.73 -1.43
C VAL A 248 -7.95 9.38 -2.06
N GLY A 249 -8.88 8.41 -2.03
CA GLY A 249 -8.56 7.09 -2.61
C GLY A 249 -9.74 6.64 -3.48
N LYS A 250 -9.45 6.12 -4.68
CA LYS A 250 -10.49 5.50 -5.50
C LYS A 250 -11.02 4.21 -4.84
N GLY A 251 -12.30 4.16 -4.55
CA GLY A 251 -12.86 2.96 -3.90
C GLY A 251 -13.82 2.20 -4.75
N ILE A 252 -13.38 1.81 -5.95
CA ILE A 252 -14.28 0.98 -6.75
C ILE A 252 -14.19 -0.46 -6.19
N THR A 253 -15.26 -0.93 -5.53
CA THR A 253 -15.18 -2.22 -4.86
C THR A 253 -15.20 -3.41 -5.79
N PHE A 254 -15.76 -3.21 -6.98
CA PHE A 254 -15.51 -4.15 -8.06
C PHE A 254 -15.68 -3.39 -9.39
N ASP A 255 -14.72 -3.56 -10.31
CA ASP A 255 -14.78 -2.89 -11.64
C ASP A 255 -14.99 -3.95 -12.76
N SER A 256 -16.24 -4.05 -13.25
CA SER A 256 -16.53 -4.90 -14.41
C SER A 256 -16.21 -4.15 -15.72
N GLY A 257 -15.89 -2.87 -15.59
CA GLY A 257 -15.87 -1.95 -16.75
C GLY A 257 -17.19 -1.25 -17.03
N GLY A 258 -18.30 -1.84 -16.57
CA GLY A 258 -19.65 -1.28 -16.90
C GLY A 258 -20.04 -1.67 -18.33
N ILE A 259 -20.78 -0.78 -19.01
CA ILE A 259 -21.21 -1.03 -20.40
C ILE A 259 -19.98 -1.18 -21.33
N SER A 260 -18.88 -0.47 -21.05
CA SER A 260 -17.59 -0.70 -21.73
C SER A 260 -16.87 -1.90 -21.04
N ILE A 261 -17.48 -3.06 -21.18
CA ILE A 261 -17.21 -4.19 -20.25
C ILE A 261 -15.82 -4.78 -20.47
N LYS A 262 -15.20 -5.22 -19.38
CA LYS A 262 -13.87 -5.86 -19.47
C LYS A 262 -13.98 -7.28 -20.00
N ALA A 263 -12.89 -7.79 -20.58
CA ALA A 263 -12.74 -9.19 -20.95
C ALA A 263 -12.73 -10.09 -19.68
N ALA A 264 -13.05 -11.35 -19.84
CA ALA A 264 -13.19 -12.25 -18.68
C ALA A 264 -11.87 -12.48 -17.96
N ALA A 265 -10.78 -12.59 -18.74
CA ALA A 265 -9.50 -13.05 -18.22
C ALA A 265 -9.01 -12.19 -17.08
N ASN A 266 -8.84 -12.83 -15.92
CA ASN A 266 -8.32 -12.23 -14.69
C ASN A 266 -9.15 -11.05 -14.21
N MET A 267 -10.42 -11.00 -14.59
CA MET A 267 -11.24 -9.88 -14.14
C MET A 267 -11.43 -9.94 -12.61
N ASP A 268 -11.23 -11.12 -12.01
CA ASP A 268 -11.42 -11.23 -10.54
C ASP A 268 -10.50 -10.26 -9.80
N LEU A 269 -9.37 -9.90 -10.42
CA LEU A 269 -8.41 -8.98 -9.71
C LEU A 269 -9.04 -7.60 -9.48
N MET A 270 -10.12 -7.30 -10.20
CA MET A 270 -10.79 -6.00 -10.07
C MET A 270 -11.53 -5.85 -8.73
N ARG A 271 -11.55 -6.91 -7.90
CA ARG A 271 -11.98 -6.71 -6.50
C ARG A 271 -11.04 -5.75 -5.78
N ALA A 272 -9.80 -5.61 -6.30
CA ALA A 272 -8.81 -4.72 -5.67
C ALA A 272 -8.83 -3.30 -6.28
N ASP A 273 -9.91 -2.96 -6.98
CA ASP A 273 -10.00 -1.62 -7.58
C ASP A 273 -10.37 -0.57 -6.54
N MET A 274 -10.41 -0.98 -5.27
CA MET A 274 -10.53 -0.07 -4.12
C MET A 274 -9.21 0.03 -3.41
N GLY A 275 -8.10 -0.34 -4.10
CA GLY A 275 -6.76 -0.30 -3.49
C GLY A 275 -6.31 1.11 -3.12
N GLY A 276 -6.74 2.11 -3.92
CA GLY A 276 -6.44 3.50 -3.61
C GLY A 276 -7.03 3.86 -2.27
N ALA A 277 -8.30 3.52 -2.07
CA ALA A 277 -8.99 3.81 -0.78
C ALA A 277 -8.32 3.00 0.34
N ALA A 278 -8.01 1.74 0.04
CA ALA A 278 -7.40 0.87 1.05
C ALA A 278 -6.06 1.46 1.56
N THR A 279 -5.19 1.86 0.63
CA THR A 279 -3.87 2.30 1.04
C THR A 279 -3.94 3.64 1.78
N ILE A 280 -4.75 4.60 1.29
CA ILE A 280 -4.80 5.90 1.99
C ILE A 280 -5.49 5.76 3.35
N CYS A 281 -6.55 4.96 3.40
CA CYS A 281 -7.26 4.76 4.69
C CYS A 281 -6.36 4.05 5.69
N SER A 282 -5.64 3.04 5.23
CA SER A 282 -4.75 2.27 6.09
CA SER A 282 -4.78 2.31 6.14
C SER A 282 -3.60 3.16 6.61
N ALA A 283 -3.09 4.01 5.72
CA ALA A 283 -1.99 4.91 6.14
C ALA A 283 -2.48 5.84 7.25
N ILE A 284 -3.74 6.28 7.15
CA ILE A 284 -4.30 7.21 8.16
C ILE A 284 -4.49 6.47 9.50
N VAL A 285 -5.01 5.25 9.42
CA VAL A 285 -5.11 4.38 10.63
C VAL A 285 -3.74 4.26 11.31
N SER A 286 -2.70 3.97 10.52
CA SER A 286 -1.34 3.83 11.06
C SER A 286 -0.82 5.17 11.60
N ALA A 287 -1.14 6.27 10.92
CA ALA A 287 -0.72 7.58 11.44
C ALA A 287 -1.32 7.81 12.83
N ALA A 288 -2.59 7.43 12.98
CA ALA A 288 -3.30 7.57 14.26
C ALA A 288 -2.63 6.65 15.31
N LYS A 289 -2.29 5.42 14.93
CA LYS A 289 -1.58 4.49 15.82
CA LYS A 289 -1.60 4.51 15.84
C LYS A 289 -0.24 5.02 16.27
N LEU A 290 0.38 5.85 15.42
CA LEU A 290 1.65 6.46 15.70
C LEU A 290 1.52 7.76 16.50
N ASP A 291 0.30 8.23 16.72
N ASP A 291 0.26 8.13 16.76
CA ASP A 291 0.04 9.49 17.43
CA ASP A 291 -0.16 9.44 17.29
C ASP A 291 0.59 10.72 16.70
C ASP A 291 0.74 10.55 16.70
N LEU A 292 0.73 10.67 15.38
CA LEU A 292 1.42 11.76 14.71
C LEU A 292 0.67 13.06 15.01
N PRO A 293 1.43 14.12 15.33
CA PRO A 293 0.84 15.40 15.74
C PRO A 293 0.39 16.27 14.56
N ILE A 294 -0.46 15.70 13.70
CA ILE A 294 -0.97 16.37 12.51
C ILE A 294 -2.44 16.07 12.31
N ASN A 295 -3.15 16.99 11.66
CA ASN A 295 -4.51 16.81 11.29
C ASN A 295 -4.53 16.18 9.89
N ILE A 296 -5.31 15.11 9.76
CA ILE A 296 -5.46 14.38 8.48
C ILE A 296 -6.90 14.05 8.15
N VAL A 297 -7.31 14.27 6.89
CA VAL A 297 -8.66 13.90 6.44
C VAL A 297 -8.49 12.85 5.33
N GLY A 298 -9.28 11.79 5.39
CA GLY A 298 -9.26 10.76 4.32
C GLY A 298 -10.62 10.76 3.64
N LEU A 299 -10.61 10.69 2.31
CA LEU A 299 -11.86 10.75 1.55
C LEU A 299 -11.86 9.59 0.56
N ALA A 300 -12.91 8.78 0.55
CA ALA A 300 -12.96 7.62 -0.34
C ALA A 300 -14.37 7.41 -0.88
N PRO A 301 -14.60 7.80 -2.16
CA PRO A 301 -15.82 7.45 -2.82
C PRO A 301 -15.82 5.97 -3.11
N LEU A 302 -16.85 5.30 -2.64
CA LEU A 302 -16.92 3.84 -2.78
C LEU A 302 -18.17 3.38 -3.51
N CYS A 303 -18.02 2.60 -4.59
CA CYS A 303 -19.17 2.04 -5.29
C CYS A 303 -18.69 0.92 -6.18
N GLU A 304 -19.61 0.22 -6.82
CA GLU A 304 -19.24 -0.78 -7.84
C GLU A 304 -19.41 -0.15 -9.21
N ASN A 305 -18.78 -0.77 -10.21
CA ASN A 305 -18.95 -0.35 -11.62
C ASN A 305 -19.51 -1.56 -12.37
N MET A 306 -20.84 -1.55 -12.62
CA MET A 306 -21.51 -2.72 -13.17
C MET A 306 -22.39 -2.36 -14.38
N PRO A 307 -22.57 -3.32 -15.29
CA PRO A 307 -23.46 -3.05 -16.42
C PRO A 307 -24.88 -3.40 -16.01
N SER A 308 -25.84 -2.63 -16.50
CA SER A 308 -27.25 -2.93 -16.18
C SER A 308 -28.11 -1.98 -17.01
N GLY A 309 -29.41 -2.07 -16.79
CA GLY A 309 -30.33 -1.19 -17.51
C GLY A 309 -30.39 0.23 -16.98
N LYS A 310 -29.60 0.55 -15.96
CA LYS A 310 -29.46 1.93 -15.51
C LYS A 310 -28.04 2.47 -15.50
N ALA A 311 -27.10 1.71 -16.07
CA ALA A 311 -25.69 2.11 -15.99
C ALA A 311 -25.30 3.29 -16.88
N ASN A 312 -24.16 3.91 -16.60
CA ASN A 312 -23.52 4.90 -17.51
C ASN A 312 -23.49 4.30 -18.91
N LYS A 313 -23.85 5.13 -19.88
CA LYS A 313 -23.79 4.75 -21.32
C LYS A 313 -22.71 5.60 -21.95
N PRO A 314 -21.85 5.00 -22.78
CA PRO A 314 -20.85 5.79 -23.54
C PRO A 314 -21.50 6.99 -24.24
N GLY A 315 -20.83 8.15 -24.13
CA GLY A 315 -21.35 9.38 -24.68
C GLY A 315 -22.14 10.19 -23.67
N ASP A 316 -22.57 9.57 -22.54
CA ASP A 316 -23.38 10.33 -21.58
C ASP A 316 -22.54 11.51 -21.09
N VAL A 317 -23.23 12.59 -20.69
CA VAL A 317 -22.48 13.75 -20.13
C VAL A 317 -22.95 13.94 -18.67
N VAL A 318 -21.98 14.01 -17.76
CA VAL A 318 -22.29 14.17 -16.32
C VAL A 318 -21.67 15.46 -15.78
N ARG A 319 -22.24 15.97 -14.71
N ARG A 319 -22.25 16.02 -14.73
CA ARG A 319 -21.78 17.23 -14.14
CA ARG A 319 -21.74 17.28 -14.21
C ARG A 319 -21.08 16.92 -12.82
C ARG A 319 -21.10 17.01 -12.85
N ALA A 320 -19.80 17.28 -12.75
CA ALA A 320 -19.01 17.16 -11.55
C ALA A 320 -19.46 18.24 -10.52
N ARG A 321 -19.12 18.00 -9.26
CA ARG A 321 -19.42 18.93 -8.16
C ARG A 321 -18.96 20.38 -8.50
N ASN A 322 -17.82 20.53 -9.18
CA ASN A 322 -17.31 21.87 -9.50
C ASN A 322 -18.00 22.51 -10.71
N GLY A 323 -19.00 21.81 -11.26
CA GLY A 323 -19.78 22.32 -12.37
C GLY A 323 -19.24 22.01 -13.76
N LYS A 324 -18.07 21.38 -13.84
CA LYS A 324 -17.52 21.00 -15.14
C LYS A 324 -18.30 19.79 -15.66
N THR A 325 -18.52 19.79 -16.97
CA THR A 325 -19.19 18.64 -17.61
C THR A 325 -18.15 17.64 -18.15
N ILE A 326 -18.50 16.35 -18.06
CA ILE A 326 -17.57 15.28 -18.46
C ILE A 326 -18.31 14.39 -19.48
N GLN A 327 -17.67 14.15 -20.63
CA GLN A 327 -18.25 13.20 -21.60
C GLN A 327 -17.67 11.83 -21.28
N VAL A 328 -18.57 10.90 -20.93
CA VAL A 328 -18.14 9.56 -20.48
C VAL A 328 -18.05 8.67 -21.73
N ASP A 329 -16.94 8.76 -22.46
CA ASP A 329 -16.81 7.98 -23.68
C ASP A 329 -16.50 6.52 -23.39
N ASN A 330 -15.90 6.25 -22.23
CA ASN A 330 -15.56 4.87 -21.90
C ASN A 330 -15.94 4.66 -20.42
N THR A 331 -16.89 3.77 -20.18
CA THR A 331 -17.42 3.64 -18.80
C THR A 331 -16.43 2.91 -17.89
N ASP A 332 -15.35 2.39 -18.45
CA ASP A 332 -14.33 1.68 -17.66
C ASP A 332 -13.21 2.66 -17.23
N ALA A 333 -13.33 3.92 -17.67
CA ALA A 333 -12.48 4.98 -17.12
C ALA A 333 -13.28 5.66 -15.98
N GLU A 334 -13.74 4.83 -15.04
CA GLU A 334 -14.66 5.28 -13.99
C GLU A 334 -13.91 5.86 -12.80
N GLY A 335 -12.69 5.43 -12.56
CA GLY A 335 -11.91 5.98 -11.42
C GLY A 335 -11.74 7.48 -11.51
N ARG A 336 -11.45 7.99 -12.73
CA ARG A 336 -11.30 9.47 -12.83
C ARG A 336 -12.63 10.19 -12.61
N LEU A 337 -13.74 9.52 -12.93
CA LEU A 337 -15.07 10.12 -12.70
C LEU A 337 -15.28 10.28 -11.19
N ILE A 338 -15.00 9.23 -10.42
CA ILE A 338 -15.35 9.34 -8.99
C ILE A 338 -14.36 10.26 -8.31
N LEU A 339 -13.09 10.24 -8.76
CA LEU A 339 -12.05 11.10 -8.18
C LEU A 339 -12.34 12.60 -8.46
N ALA A 340 -12.95 12.90 -9.60
CA ALA A 340 -13.23 14.31 -9.92
C ALA A 340 -13.98 14.94 -8.75
N ASP A 341 -15.03 14.25 -8.31
CA ASP A 341 -15.91 14.77 -7.25
C ASP A 341 -15.21 14.74 -5.91
N ALA A 342 -14.51 13.65 -5.60
CA ALA A 342 -13.74 13.61 -4.32
C ALA A 342 -12.63 14.67 -4.26
N LEU A 343 -11.91 14.88 -5.37
CA LEU A 343 -10.86 15.91 -5.39
C LEU A 343 -11.46 17.29 -5.18
N CYS A 344 -12.60 17.58 -5.81
CA CYS A 344 -13.29 18.85 -5.61
CA CYS A 344 -13.25 18.85 -5.61
C CYS A 344 -13.59 19.02 -4.12
N TYR A 345 -14.18 18.00 -3.53
CA TYR A 345 -14.56 18.07 -2.10
C TYR A 345 -13.35 18.28 -1.22
N ALA A 346 -12.22 17.69 -1.60
CA ALA A 346 -10.96 17.80 -0.87
C ALA A 346 -10.57 19.28 -0.65
N HIS A 347 -10.85 20.13 -1.64
CA HIS A 347 -10.45 21.53 -1.52
C HIS A 347 -11.20 22.26 -0.40
N THR A 348 -12.38 21.77 -0.02
CA THR A 348 -13.22 22.47 0.99
C THR A 348 -12.57 22.45 2.38
N PHE A 349 -11.58 21.60 2.57
CA PHE A 349 -10.87 21.48 3.88
C PHE A 349 -9.74 22.46 4.04
N ASN A 350 -9.46 23.32 3.05
N ASN A 350 -9.58 23.33 3.02
CA ASN A 350 -8.27 24.16 3.14
CA ASN A 350 -8.37 24.13 2.81
C ASN A 350 -6.99 23.34 3.40
C ASN A 350 -7.10 23.39 3.29
N PRO A 351 -6.77 22.27 2.61
CA PRO A 351 -5.68 21.38 3.01
C PRO A 351 -4.29 21.94 2.79
N LYS A 352 -3.30 21.39 3.47
CA LYS A 352 -1.90 21.75 3.25
C LYS A 352 -1.37 21.05 1.98
N VAL A 353 -1.80 19.79 1.82
CA VAL A 353 -1.46 18.94 0.67
C VAL A 353 -2.69 18.11 0.33
N ILE A 354 -2.80 17.73 -0.94
CA ILE A 354 -3.82 16.77 -1.34
C ILE A 354 -3.08 15.64 -1.99
N ILE A 355 -3.22 14.41 -1.47
CA ILE A 355 -2.56 13.25 -2.13
C ILE A 355 -3.68 12.26 -2.49
N ASN A 356 -3.82 11.89 -3.76
CA ASN A 356 -4.81 10.82 -4.06
C ASN A 356 -4.08 9.57 -4.53
N ALA A 357 -4.71 8.39 -4.36
CA ALA A 357 -4.17 7.13 -4.87
C ALA A 357 -5.28 6.38 -5.56
N ALA A 358 -4.92 5.67 -6.64
CA ALA A 358 -5.93 4.96 -7.39
C ALA A 358 -5.28 3.86 -8.24
N THR A 359 -5.97 2.72 -8.33
CA THR A 359 -5.56 1.63 -9.27
C THR A 359 -6.11 2.06 -10.66
N LEU A 360 -5.52 3.09 -11.27
CA LEU A 360 -6.29 3.89 -12.21
C LEU A 360 -6.25 3.39 -13.66
N THR A 361 -5.07 2.96 -14.11
CA THR A 361 -4.96 2.66 -15.53
C THR A 361 -4.18 1.41 -15.81
N GLY A 362 -4.59 0.67 -16.84
CA GLY A 362 -3.77 -0.43 -17.34
C GLY A 362 -2.47 0.12 -17.87
N ALA A 363 -2.50 1.34 -18.38
CA ALA A 363 -1.30 1.95 -18.98
C ALA A 363 -0.17 2.08 -17.95
N MET A 364 -0.53 2.34 -16.69
CA MET A 364 0.50 2.43 -15.66
CA MET A 364 0.50 2.44 -15.66
C MET A 364 1.25 1.11 -15.46
N ASP A 365 0.50 0.00 -15.53
CA ASP A 365 1.13 -1.31 -15.43
C ASP A 365 2.04 -1.56 -16.63
N ILE A 366 1.59 -1.16 -17.81
CA ILE A 366 2.46 -1.29 -18.99
C ILE A 366 3.68 -0.39 -18.89
N ALA A 367 3.54 0.80 -18.28
CA ALA A 367 4.66 1.72 -18.12
C ALA A 367 5.73 1.23 -17.15
N LEU A 368 5.35 0.93 -15.91
CA LEU A 368 6.39 0.59 -14.89
C LEU A 368 6.11 -0.72 -14.13
N GLY A 369 4.98 -1.39 -14.42
CA GLY A 369 4.77 -2.71 -13.77
C GLY A 369 4.75 -2.52 -12.26
N SER A 370 5.31 -3.48 -11.53
CA SER A 370 5.25 -3.43 -10.09
C SER A 370 6.57 -2.88 -9.54
N GLY A 371 7.38 -2.27 -10.40
CA GLY A 371 8.67 -1.78 -9.90
C GLY A 371 8.49 -0.56 -9.00
N ALA A 372 7.49 0.29 -9.33
CA ALA A 372 7.28 1.50 -8.57
C ALA A 372 5.92 2.08 -8.83
N THR A 373 5.36 2.76 -7.84
CA THR A 373 4.10 3.50 -8.00
C THR A 373 4.40 4.79 -8.82
N GLY A 374 3.55 5.07 -9.80
CA GLY A 374 3.73 6.30 -10.62
C GLY A 374 3.17 7.51 -9.88
N VAL A 375 3.97 8.57 -9.72
CA VAL A 375 3.55 9.78 -9.03
C VAL A 375 3.53 10.99 -9.98
N PHE A 376 2.34 11.56 -10.11
CA PHE A 376 2.13 12.77 -10.90
C PHE A 376 1.88 13.89 -9.89
N THR A 377 2.70 14.93 -9.92
CA THR A 377 2.53 16.01 -8.95
C THR A 377 2.96 17.38 -9.48
N ASN A 378 2.21 18.40 -9.08
CA ASN A 378 2.54 19.79 -9.46
C ASN A 378 3.56 20.44 -8.49
N SER A 379 4.07 19.64 -7.53
CA SER A 379 5.00 20.15 -6.53
C SER A 379 6.26 19.27 -6.41
N SER A 380 7.42 19.81 -6.80
CA SER A 380 8.65 19.02 -6.72
C SER A 380 9.04 18.78 -5.25
N TRP A 381 8.68 19.73 -4.38
CA TRP A 381 8.83 19.56 -2.91
C TRP A 381 8.11 18.26 -2.50
N LEU A 382 6.86 18.13 -2.94
CA LEU A 382 6.03 16.98 -2.58
C LEU A 382 6.57 15.68 -3.19
N TRP A 383 6.93 15.73 -4.48
CA TRP A 383 7.65 14.61 -5.09
C TRP A 383 8.85 14.18 -4.26
N ASN A 384 9.70 15.15 -3.88
N ASN A 384 9.68 15.16 -3.88
CA ASN A 384 10.92 14.77 -3.21
CA ASN A 384 10.89 14.80 -3.19
C ASN A 384 10.64 14.15 -1.81
C ASN A 384 10.60 14.12 -1.85
N LYS A 385 9.61 14.66 -1.12
CA LYS A 385 9.22 14.08 0.19
C LYS A 385 8.76 12.64 0.00
N LEU A 386 7.94 12.40 -1.02
CA LEU A 386 7.47 11.00 -1.24
C LEU A 386 8.61 10.09 -1.67
N PHE A 387 9.48 10.59 -2.57
CA PHE A 387 10.66 9.86 -3.00
C PHE A 387 11.60 9.52 -1.81
N GLU A 388 11.88 10.51 -0.96
CA GLU A 388 12.77 10.25 0.20
C GLU A 388 12.14 9.18 1.13
N ALA A 389 10.85 9.31 1.41
CA ALA A 389 10.13 8.30 2.24
C ALA A 389 10.29 6.90 1.61
N SER A 390 10.17 6.85 0.29
CA SER A 390 10.21 5.56 -0.41
C SER A 390 11.56 4.85 -0.34
N ILE A 391 12.64 5.62 -0.27
CA ILE A 391 13.97 5.06 -0.10
C ILE A 391 14.06 4.24 1.19
N GLU A 392 13.55 4.80 2.27
CA GLU A 392 13.54 4.14 3.58
C GLU A 392 12.65 2.89 3.55
N THR A 393 11.44 3.01 3.01
CA THR A 393 10.48 1.87 3.06
C THR A 393 10.78 0.78 2.05
N GLY A 394 11.47 1.15 0.97
CA GLY A 394 11.77 0.22 -0.12
C GLY A 394 10.56 0.08 -1.07
N ASP A 395 9.46 0.74 -0.75
CA ASP A 395 8.23 0.62 -1.56
C ASP A 395 8.23 1.83 -2.52
N ARG A 396 8.90 1.60 -3.64
CA ARG A 396 9.46 2.73 -4.47
C ARG A 396 8.43 3.53 -5.21
N VAL A 397 8.74 4.81 -5.45
CA VAL A 397 7.88 5.68 -6.28
C VAL A 397 8.73 6.22 -7.43
N TRP A 398 8.07 6.63 -8.50
CA TRP A 398 8.74 7.05 -9.71
C TRP A 398 7.89 8.15 -10.34
N ARG A 399 8.51 9.28 -10.67
CA ARG A 399 7.71 10.43 -11.06
C ARG A 399 7.26 10.26 -12.50
N MET A 400 6.04 10.72 -12.80
CA MET A 400 5.49 10.68 -14.16
C MET A 400 4.98 12.06 -14.48
N PRO A 401 4.93 12.43 -15.78
CA PRO A 401 4.71 13.85 -16.11
C PRO A 401 3.30 14.41 -16.12
N LEU A 402 3.17 15.62 -15.56
CA LEU A 402 1.98 16.44 -15.72
C LEU A 402 2.33 17.55 -16.70
N PHE A 403 1.93 17.36 -17.93
CA PHE A 403 2.23 18.37 -18.99
C PHE A 403 0.96 18.77 -19.66
N GLU A 404 0.88 20.02 -20.14
CA GLU A 404 -0.33 20.46 -20.85
C GLU A 404 -0.51 19.63 -22.13
N HIS A 405 0.58 19.08 -22.66
CA HIS A 405 0.53 18.16 -23.83
C HIS A 405 -0.60 17.11 -23.62
N TYR A 406 -0.64 16.52 -22.42
CA TYR A 406 -1.67 15.50 -22.13
C TYR A 406 -3.03 16.15 -21.86
N THR A 407 -3.02 17.28 -21.16
CA THR A 407 -4.29 18.00 -20.91
C THR A 407 -5.04 18.27 -22.21
N ARG A 408 -4.33 18.67 -23.26
N ARG A 408 -4.31 18.68 -23.23
CA ARG A 408 -4.95 19.05 -24.51
CA ARG A 408 -4.87 19.00 -24.52
C ARG A 408 -5.73 17.87 -25.11
C ARG A 408 -5.77 17.88 -25.00
N GLN A 409 -5.30 16.65 -24.80
CA GLN A 409 -5.96 15.48 -25.33
C GLN A 409 -7.21 15.06 -24.56
N VAL A 410 -7.44 15.67 -23.39
CA VAL A 410 -8.70 15.39 -22.69
C VAL A 410 -9.69 16.54 -22.72
N ILE A 411 -9.20 17.77 -22.88
CA ILE A 411 -10.15 18.87 -23.02
CA ILE A 411 -10.03 18.96 -23.08
C ILE A 411 -10.61 19.02 -24.49
N ASP A 412 -9.96 18.34 -25.42
CA ASP A 412 -10.48 18.21 -26.80
C ASP A 412 -11.67 17.28 -26.67
N CYS A 413 -12.88 17.82 -26.67
CA CYS A 413 -14.05 16.98 -26.29
C CYS A 413 -15.28 17.40 -27.12
N GLN A 414 -15.94 16.42 -27.76
CA GLN A 414 -17.04 16.77 -28.64
C GLN A 414 -18.21 17.44 -27.90
N LEU A 415 -18.59 16.95 -26.70
CA LEU A 415 -19.87 17.38 -26.07
C LEU A 415 -19.70 18.25 -24.82
N ALA A 416 -18.52 18.18 -24.20
CA ALA A 416 -18.44 18.64 -22.81
C ALA A 416 -17.11 19.31 -22.53
N ASP A 417 -16.94 19.74 -21.29
CA ASP A 417 -15.71 20.40 -20.91
C ASP A 417 -14.49 19.50 -20.96
N VAL A 418 -14.63 18.24 -20.54
CA VAL A 418 -13.47 17.31 -20.57
CA VAL A 418 -13.48 17.30 -20.49
C VAL A 418 -14.01 15.93 -20.94
N ASN A 419 -13.17 15.17 -21.68
CA ASN A 419 -13.53 13.81 -22.10
C ASN A 419 -12.87 12.84 -21.16
N ASN A 420 -13.57 11.74 -20.80
CA ASN A 420 -13.01 10.86 -19.77
C ASN A 420 -12.08 9.78 -20.33
N ILE A 421 -11.76 9.83 -21.64
CA ILE A 421 -10.70 8.94 -22.15
C ILE A 421 -9.94 9.72 -23.21
N GLY A 422 -8.66 9.48 -23.40
CA GLY A 422 -7.94 10.43 -24.31
C GLY A 422 -8.41 10.35 -25.77
N LYS A 423 -7.94 11.26 -26.61
CA LYS A 423 -8.18 11.07 -28.03
C LYS A 423 -7.37 9.91 -28.64
N TYR A 424 -6.25 9.52 -28.01
CA TYR A 424 -5.35 8.46 -28.52
C TYR A 424 -5.05 7.37 -27.46
N ARG A 425 -4.53 6.20 -27.84
CA ARG A 425 -4.16 5.17 -26.89
C ARG A 425 -2.91 5.54 -26.09
N SER A 426 -2.11 6.45 -26.62
CA SER A 426 -0.78 6.66 -26.06
C SER A 426 -0.87 7.37 -24.70
N ALA A 427 0.04 6.99 -23.80
CA ALA A 427 0.25 7.70 -22.53
C ALA A 427 -1.01 7.70 -21.62
N GLY A 428 -1.67 6.55 -21.53
CA GLY A 428 -2.97 6.48 -20.84
C GLY A 428 -2.88 6.94 -19.39
N ALA A 429 -1.77 6.65 -18.70
CA ALA A 429 -1.70 7.05 -17.29
C ALA A 429 -1.54 8.59 -17.21
N CYS A 430 -0.89 9.16 -18.22
CA CYS A 430 -0.62 10.61 -18.24
C CYS A 430 -1.85 11.46 -18.59
N THR A 431 -2.67 10.95 -19.52
CA THR A 431 -3.89 11.64 -19.83
C THR A 431 -4.90 11.44 -18.72
N ALA A 432 -4.87 10.27 -18.04
CA ALA A 432 -5.73 10.09 -16.85
C ALA A 432 -5.32 11.12 -15.77
N ALA A 433 -4.01 11.26 -15.52
CA ALA A 433 -3.52 12.27 -14.55
C ALA A 433 -3.94 13.69 -14.97
N ALA A 434 -3.87 13.99 -16.27
CA ALA A 434 -4.27 15.33 -16.77
C ALA A 434 -5.75 15.59 -16.56
N PHE A 435 -6.57 14.56 -16.75
CA PHE A 435 -8.00 14.69 -16.45
C PHE A 435 -8.21 15.08 -14.95
N LEU A 436 -7.51 14.37 -14.06
CA LEU A 436 -7.63 14.66 -12.59
C LEU A 436 -7.23 16.11 -12.29
N LYS A 437 -6.18 16.57 -12.97
CA LYS A 437 -5.65 17.91 -12.76
C LYS A 437 -6.68 18.99 -13.09
N GLU A 438 -7.65 18.69 -13.96
CA GLU A 438 -8.73 19.63 -14.29
C GLU A 438 -9.71 19.83 -13.11
N PHE A 439 -9.53 19.01 -12.10
CA PHE A 439 -10.33 19.10 -10.87
C PHE A 439 -9.49 19.52 -9.67
N VAL A 440 -8.33 20.09 -9.93
CA VAL A 440 -7.42 20.45 -8.85
C VAL A 440 -6.95 21.89 -9.06
N THR A 441 -7.07 22.73 -8.03
CA THR A 441 -6.44 24.07 -8.10
C THR A 441 -5.32 24.18 -7.05
N HIS A 442 -5.27 23.22 -6.15
CA HIS A 442 -4.29 23.25 -5.05
C HIS A 442 -2.84 23.16 -5.54
N PRO A 443 -1.89 23.93 -4.93
CA PRO A 443 -0.48 23.93 -5.41
C PRO A 443 0.43 22.80 -4.89
N LYS A 444 -0.10 21.90 -4.04
CA LYS A 444 0.70 20.77 -3.61
C LYS A 444 -0.18 19.53 -3.67
N TRP A 445 -0.37 19.06 -4.89
CA TRP A 445 -1.20 17.85 -5.11
C TRP A 445 -0.38 16.74 -5.74
N ALA A 446 -0.56 15.50 -5.28
CA ALA A 446 0.12 14.34 -5.90
C ALA A 446 -0.95 13.27 -6.16
N HIS A 447 -0.88 12.71 -7.37
CA HIS A 447 -1.75 11.59 -7.83
C HIS A 447 -0.81 10.36 -7.95
N LEU A 448 -1.17 9.27 -7.26
CA LEU A 448 -0.40 8.05 -7.28
C LEU A 448 -1.20 6.99 -8.02
N ASP A 449 -0.73 6.59 -9.22
CA ASP A 449 -1.43 5.53 -9.96
C ASP A 449 -0.75 4.22 -9.52
N ILE A 450 -1.49 3.43 -8.75
CA ILE A 450 -0.94 2.22 -8.15
C ILE A 450 -1.44 0.94 -8.86
N ALA A 451 -1.98 1.09 -10.09
CA ALA A 451 -2.45 -0.10 -10.82
C ALA A 451 -1.35 -1.15 -11.01
N GLY A 452 -0.11 -0.72 -11.26
CA GLY A 452 0.98 -1.68 -11.48
C GLY A 452 1.48 -2.38 -10.20
N VAL A 453 1.24 -1.77 -9.06
CA VAL A 453 1.70 -2.34 -7.76
C VAL A 453 0.53 -2.98 -6.99
N MET A 454 -0.60 -3.16 -7.68
CA MET A 454 -1.80 -3.74 -7.04
CA MET A 454 -1.79 -3.76 -7.04
C MET A 454 -1.55 -5.17 -6.52
N THR A 455 -0.79 -5.95 -7.27
CA THR A 455 -0.53 -7.36 -6.92
C THR A 455 0.97 -7.63 -6.79
N ASN A 456 1.28 -8.72 -6.08
CA ASN A 456 2.62 -9.29 -6.10
C ASN A 456 2.54 -10.76 -6.55
N LYS A 457 3.51 -11.15 -7.36
CA LYS A 457 3.73 -12.54 -7.68
C LYS A 457 4.89 -12.95 -6.81
N ASP A 458 6.10 -12.61 -7.24
CA ASP A 458 7.32 -12.81 -6.47
C ASP A 458 8.27 -11.63 -6.47
N GLU A 459 7.80 -10.48 -6.96
CA GLU A 459 8.76 -9.40 -7.23
C GLU A 459 9.31 -8.81 -5.95
N VAL A 460 8.38 -8.60 -5.00
CA VAL A 460 8.74 -8.14 -3.64
C VAL A 460 8.88 -9.43 -2.81
N PRO A 461 10.09 -9.77 -2.37
CA PRO A 461 10.35 -11.12 -1.83
C PRO A 461 9.58 -11.37 -0.54
N TYR A 462 9.30 -10.31 0.19
CA TYR A 462 8.61 -10.45 1.49
C TYR A 462 7.08 -10.32 1.43
N LEU A 463 6.49 -10.33 0.23
CA LEU A 463 5.05 -10.41 0.12
C LEU A 463 4.67 -11.71 -0.58
N ARG A 464 3.83 -12.54 0.04
CA ARG A 464 3.34 -13.71 -0.69
C ARG A 464 2.46 -13.27 -1.89
N LYS A 465 2.19 -14.20 -2.79
N LYS A 465 2.20 -14.20 -2.80
CA LYS A 465 1.36 -13.91 -3.95
CA LYS A 465 1.41 -13.85 -4.00
C LYS A 465 0.00 -13.36 -3.52
C LYS A 465 -0.03 -13.44 -3.66
N GLY A 466 -0.43 -12.27 -4.15
CA GLY A 466 -1.77 -11.74 -3.89
C GLY A 466 -1.73 -10.23 -3.86
N MET A 467 -2.81 -9.61 -3.34
CA MET A 467 -2.89 -8.13 -3.34
C MET A 467 -1.77 -7.61 -2.43
N ALA A 468 -1.14 -6.51 -2.86
CA ALA A 468 0.12 -6.09 -2.25
C ALA A 468 -0.01 -5.01 -1.19
N GLY A 469 -1.10 -4.21 -1.23
CA GLY A 469 -1.28 -3.10 -0.28
C GLY A 469 -0.18 -2.05 -0.35
N ARG A 470 0.40 -1.91 -1.54
CA ARG A 470 1.43 -0.90 -1.81
C ARG A 470 0.78 0.38 -2.34
N PRO A 471 1.32 1.57 -2.00
CA PRO A 471 2.52 1.82 -1.22
C PRO A 471 2.21 2.34 0.20
N THR A 472 1.40 1.59 0.95
CA THR A 472 0.95 2.04 2.27
C THR A 472 2.10 2.55 3.15
N ARG A 473 3.19 1.79 3.25
CA ARG A 473 4.28 2.18 4.18
C ARG A 473 4.98 3.49 3.75
N THR A 474 5.06 3.72 2.44
CA THR A 474 5.65 4.96 1.96
C THR A 474 4.78 6.14 2.36
N LEU A 475 3.45 5.96 2.32
CA LEU A 475 2.56 7.01 2.78
C LEU A 475 2.72 7.26 4.29
N ILE A 476 2.84 6.18 5.06
CA ILE A 476 3.00 6.33 6.51
C ILE A 476 4.32 7.10 6.81
N GLU A 477 5.41 6.67 6.17
CA GLU A 477 6.71 7.30 6.35
C GLU A 477 6.66 8.76 5.96
N PHE A 478 6.01 9.07 4.83
CA PHE A 478 5.81 10.46 4.46
C PHE A 478 5.11 11.28 5.57
N LEU A 479 4.03 10.74 6.13
CA LEU A 479 3.29 11.45 7.18
C LEU A 479 4.14 11.63 8.43
N PHE A 480 4.85 10.55 8.78
CA PHE A 480 5.73 10.61 9.96
C PHE A 480 6.78 11.73 9.78
N ARG A 481 7.49 11.75 8.66
CA ARG A 481 8.49 12.83 8.47
C ARG A 481 7.85 14.23 8.38
N PHE A 482 6.69 14.32 7.76
CA PHE A 482 6.03 15.62 7.64
C PHE A 482 5.73 16.16 9.05
N SER A 483 5.26 15.26 9.93
CA SER A 483 4.91 15.66 11.29
C SER A 483 6.13 16.13 12.11
N GLN A 484 7.35 15.76 11.70
CA GLN A 484 8.58 16.17 12.41
C GLN A 484 9.20 17.37 11.72
N GLU A 485 9.00 17.43 10.40
CA GLU A 485 9.29 18.55 9.49
C GLU A 485 10.77 18.76 9.22
N ALA B 1 -8.94 2.25 -16.55
CA ALA B 1 -9.04 2.54 -17.97
C ALA B 1 -8.13 1.61 -18.76
N MLE B 2 -8.65 1.10 -19.90
CN MLE B 2 -10.03 1.47 -20.28
CA MLE B 2 -7.79 0.20 -20.73
CB MLE B 2 -8.49 -1.13 -21.01
CG MLE B 2 -8.78 -1.85 -19.65
CD1 MLE B 2 -9.38 -3.23 -19.91
CD2 MLE B 2 -7.54 -2.00 -18.75
C MLE B 2 -7.23 1.02 -21.96
O MLE B 2 -7.66 2.16 -22.18
N TYR B 3 -6.18 0.43 -22.60
CA TYR B 3 -5.34 1.05 -23.70
C TYR B 3 -5.22 0.39 -25.10
N TYR B 4 -6.30 0.29 -25.88
CA TYR B 4 -7.67 0.71 -25.59
C TYR B 4 -8.51 -0.54 -25.89
CL CL C . -9.84 6.29 -15.13
C1 MPD D . 16.23 -10.52 -2.76
C2 MPD D . 17.60 -10.13 -2.24
O2 MPD D . 18.63 -10.97 -2.88
CM MPD D . 17.68 -10.31 -0.70
C3 MPD D . 17.91 -8.70 -2.61
C4 MPD D . 16.80 -7.64 -2.66
O4 MPD D . 15.48 -8.00 -2.32
C5 MPD D . 17.25 -6.22 -2.28
C1 MPD E . -10.51 19.28 8.70
C2 MPD E . -11.37 19.22 9.96
O2 MPD E . -12.73 19.04 9.47
CM MPD E . -11.28 20.52 10.73
C3 MPD E . -10.90 18.08 10.87
C4 MPD E . -9.44 17.79 10.50
O4 MPD E . -8.66 18.95 10.71
C5 MPD E . -8.83 16.56 11.16
C1 MPD F . 23.26 -23.12 -1.11
C2 MPD F . 21.92 -22.77 -0.44
O2 MPD F . 20.97 -22.27 -1.44
CM MPD F . 22.14 -21.66 0.59
C3 MPD F . 21.30 -24.05 0.12
C4 MPD F . 20.75 -24.25 1.55
O4 MPD F . 20.42 -23.08 2.24
C5 MPD F . 19.59 -25.24 1.57
S DMS G . 18.09 4.75 -12.06
O DMS G . 17.17 4.19 -13.37
C1 DMS G . 19.55 3.65 -12.02
C2 DMS G . 17.29 4.16 -10.53
S DMS H . -26.52 17.07 -17.87
O DMS H . -25.10 17.91 -17.16
C1 DMS H . -26.76 15.46 -17.06
C2 DMS H . -26.08 16.57 -19.55
ZN ZN I . -12.42 0.72 -14.99
ZN ZN J . -11.08 0.86 -12.13
C10 AHY K . -3.23 -6.03 -13.25
C9 AHY K . -2.72 -4.58 -13.32
C8 AHY K . -3.54 -3.66 -14.27
C7 AHY K . -4.96 -3.41 -13.76
C6 AHY K . -5.52 -2.09 -14.37
C5 AHY K . -6.95 -1.83 -13.84
C4 AHY K . -7.45 -0.47 -14.27
C3 AHY K . -8.97 -0.31 -14.02
N3 AHY K . -9.27 -0.33 -12.55
C2 AHY K . -9.41 1.06 -14.53
OH2 AHY K . -10.75 1.34 -14.19
C1 AHY K . -9.45 1.13 -16.06
O AHY K . -9.91 0.21 -16.71
#